data_6ECX
#
_entry.id   6ECX
#
_cell.length_a   88.565
_cell.length_b   88.565
_cell.length_c   86.077
_cell.angle_alpha   90.000
_cell.angle_beta   90.000
_cell.angle_gamma   90.000
#
_symmetry.space_group_name_H-M   'P 43 21 2'
#
loop_
_entity.id
_entity.type
_entity.pdbx_description
1 polymer 'StiE protein'
2 non-polymer S-ADENOSYLMETHIONINE
3 non-polymer GLYCEROL
4 water water
#
_entity_poly.entity_id   1
_entity_poly.type   'polypeptide(L)'
_entity_poly.pdbx_seq_one_letter_code
;SNAASEGTSGIIASFYDSLVTQAAGEDVRSSNDDEHFLTWGVFQEIVPGFSWIRTVFRPSERPEGRERLAVAQRELRRVL
FRAVDLSAIKNVMDFGCGHGSDLIILGEQNEHLKLDGYTISGKQAEVCKQRVRTRGLQNRIRIFQRDSAKDDFPGMYDLV
LGFEVAGLIPDKDALFSNIDRHLTNGGLLIMADFVANTLSPIEVQETSTFSSTREQWNKLFSSNHLRLVDAVDVSNEVAN
CLHNPDYAAQFEALCKELKLDEVTQRSFGSYENVYKALRGGLISYVLFHVQKDRFSRSDELFHLNAKQFEQLTPYAEFA
;
_entity_poly.pdbx_strand_id   A
#
loop_
_chem_comp.id
_chem_comp.type
_chem_comp.name
_chem_comp.formula
GOL non-polymer GLYCEROL 'C3 H8 O3'
SAM non-polymer S-ADENOSYLMETHIONINE 'C15 H22 N6 O5 S'
#
# COMPACT_ATOMS: atom_id res chain seq x y z
N GLY A 10 -17.74 2.47 -3.78
CA GLY A 10 -18.18 3.62 -4.56
C GLY A 10 -17.05 4.59 -4.87
N ILE A 11 -16.70 5.42 -3.89
CA ILE A 11 -15.59 6.35 -4.07
C ILE A 11 -14.26 5.61 -4.11
N ILE A 12 -14.15 4.48 -3.41
CA ILE A 12 -12.90 3.74 -3.38
C ILE A 12 -12.61 3.09 -4.73
N ALA A 13 -13.65 2.57 -5.39
CA ALA A 13 -13.44 1.87 -6.66
C ALA A 13 -13.00 2.82 -7.78
N SER A 14 -13.40 4.10 -7.71
CA SER A 14 -13.05 5.04 -8.78
C SER A 14 -11.58 5.41 -8.76
N PHE A 15 -10.98 5.46 -7.57
CA PHE A 15 -9.55 5.78 -7.46
C PHE A 15 -8.69 4.64 -7.99
N TYR A 16 -9.12 3.40 -7.76
CA TYR A 16 -8.33 2.25 -8.20
C TYR A 16 -8.46 2.00 -9.70
N ASP A 17 -9.58 2.38 -10.31
CA ASP A 17 -9.67 2.36 -11.76
C ASP A 17 -8.74 3.39 -12.39
N SER A 18 -8.47 4.49 -11.67
CA SER A 18 -7.56 5.50 -12.17
C SER A 18 -6.13 4.98 -12.24
N LEU A 19 -5.67 4.29 -11.18
CA LEU A 19 -4.32 3.74 -11.17
C LEU A 19 -4.12 2.78 -12.33
N VAL A 20 -5.15 2.02 -12.69
CA VAL A 20 -5.09 1.08 -13.80
C VAL A 20 -4.92 1.83 -15.13
N HIS A 36 9.86 7.06 -7.88
CA HIS A 36 10.33 5.76 -7.42
C HIS A 36 9.26 5.01 -6.62
N PHE A 37 8.41 5.77 -5.92
CA PHE A 37 7.36 5.21 -5.07
C PHE A 37 5.99 5.48 -5.71
N LEU A 38 5.17 4.42 -5.81
CA LEU A 38 3.83 4.53 -6.37
C LEU A 38 2.75 4.70 -5.30
N THR A 39 3.13 5.03 -4.07
CA THR A 39 2.24 5.62 -3.09
C THR A 39 2.71 7.05 -2.83
N TRP A 40 1.85 7.85 -2.21
CA TRP A 40 2.19 9.24 -2.00
C TRP A 40 1.74 9.66 -0.60
N GLY A 41 2.65 10.28 0.16
CA GLY A 41 2.75 10.06 1.58
C GLY A 41 2.29 11.04 2.65
N VAL A 42 2.97 10.98 3.80
CA VAL A 42 2.50 11.55 5.06
C VAL A 42 3.05 12.96 5.21
N PHE A 43 2.18 13.96 5.04
CA PHE A 43 2.49 15.34 5.39
C PHE A 43 1.92 15.59 6.79
N GLN A 44 2.81 15.78 7.78
CA GLN A 44 2.34 16.02 9.14
C GLN A 44 1.50 17.28 9.21
N GLU A 45 1.86 18.29 8.41
CA GLU A 45 1.07 19.52 8.27
C GLU A 45 1.03 19.92 6.81
N ILE A 46 0.03 20.72 6.46
CA ILE A 46 0.02 21.39 5.17
C ILE A 46 1.25 22.27 5.07
N VAL A 47 1.98 22.15 3.95
CA VAL A 47 3.12 23.04 3.73
C VAL A 47 2.72 24.00 2.60
N PRO A 48 2.55 25.29 2.89
CA PRO A 48 2.01 26.21 1.88
C PRO A 48 2.89 26.23 0.65
N GLY A 49 2.23 26.26 -0.52
CA GLY A 49 2.93 26.29 -1.77
C GLY A 49 3.39 24.96 -2.31
N PHE A 50 3.37 23.89 -1.52
CA PHE A 50 3.68 22.59 -2.09
C PHE A 50 2.54 22.12 -2.97
N SER A 51 2.88 21.58 -4.13
CA SER A 51 1.90 21.12 -5.11
C SER A 51 2.27 19.69 -5.47
N TRP A 52 1.52 18.73 -4.92
CA TRP A 52 1.71 17.33 -5.31
C TRP A 52 1.53 17.16 -6.82
N ILE A 53 0.58 17.88 -7.40
CA ILE A 53 0.30 17.69 -8.82
C ILE A 53 1.46 18.18 -9.67
N ARG A 54 2.07 19.31 -9.31
CA ARG A 54 3.20 19.80 -10.09
C ARG A 54 4.43 18.93 -9.88
N THR A 55 4.65 18.48 -8.65
CA THR A 55 5.82 17.65 -8.37
C THR A 55 5.79 16.34 -9.16
N VAL A 56 4.61 15.71 -9.25
CA VAL A 56 4.51 14.41 -9.88
C VAL A 56 4.68 14.48 -11.39
N PHE A 57 4.46 15.64 -12.01
CA PHE A 57 4.47 15.75 -13.47
C PHE A 57 5.72 16.41 -14.03
N ARG A 58 6.20 17.49 -13.43
CA ARG A 58 7.45 18.13 -13.84
C ARG A 58 8.47 18.08 -12.70
N PRO A 59 9.00 16.90 -12.38
CA PRO A 59 10.13 16.83 -11.45
C PRO A 59 11.45 17.22 -12.09
N SER A 60 11.46 17.48 -13.41
CA SER A 60 12.66 18.01 -14.05
C SER A 60 13.04 19.37 -13.47
N GLU A 61 12.04 20.14 -13.02
CA GLU A 61 12.26 21.39 -12.29
C GLU A 61 12.32 21.15 -10.79
N ARG A 62 13.14 20.18 -10.36
CA ARG A 62 13.05 19.57 -9.03
C ARG A 62 12.89 20.61 -7.92
N PRO A 63 11.68 20.76 -7.40
CA PRO A 63 11.50 21.68 -6.28
C PRO A 63 12.04 21.08 -5.01
N GLU A 64 11.94 21.81 -3.90
CA GLU A 64 12.02 21.12 -2.62
C GLU A 64 10.87 20.13 -2.47
N GLY A 65 9.76 20.38 -3.19
CA GLY A 65 8.63 19.47 -3.14
C GLY A 65 8.93 18.10 -3.70
N ARG A 66 9.86 17.99 -4.65
CA ARG A 66 10.28 16.68 -5.12
C ARG A 66 10.92 15.88 -4.00
N GLU A 67 11.89 16.48 -3.32
CA GLU A 67 12.49 15.82 -2.15
C GLU A 67 11.53 15.82 -0.97
N ARG A 68 10.64 16.82 -0.88
CA ARG A 68 9.63 16.82 0.18
C ARG A 68 8.67 15.66 0.02
N LEU A 69 8.25 15.38 -1.22
CA LEU A 69 7.39 14.23 -1.47
C LEU A 69 8.12 12.92 -1.14
N ALA A 70 9.41 12.83 -1.49
CA ALA A 70 10.17 11.62 -1.15
C ALA A 70 10.24 11.43 0.35
N VAL A 71 10.46 12.50 1.10
CA VAL A 71 10.47 12.43 2.56
C VAL A 71 9.16 11.87 3.06
N ALA A 72 8.04 12.40 2.57
CA ALA A 72 6.73 11.98 3.06
C ALA A 72 6.41 10.54 2.67
N GLN A 73 7.00 10.06 1.58
CA GLN A 73 6.79 8.68 1.19
C GLN A 73 7.58 7.73 2.07
N ARG A 74 8.82 8.12 2.42
CA ARG A 74 9.59 7.35 3.39
C ARG A 74 8.88 7.33 4.75
N GLU A 75 8.25 8.43 5.12
CA GLU A 75 7.52 8.48 6.39
C GLU A 75 6.32 7.54 6.39
N LEU A 76 5.59 7.47 5.27
CA LEU A 76 4.53 6.47 5.16
C LEU A 76 5.08 5.07 5.40
N ARG A 77 6.22 4.76 4.79
CA ARG A 77 6.86 3.46 4.97
C ARG A 77 7.31 3.24 6.42
N ARG A 78 7.88 4.27 7.06
CA ARG A 78 8.31 4.14 8.46
C ARG A 78 7.15 3.68 9.33
N VAL A 79 5.97 4.27 9.14
CA VAL A 79 4.81 3.89 9.94
C VAL A 79 4.31 2.50 9.56
N LEU A 80 4.25 2.20 8.26
CA LEU A 80 3.85 0.86 7.80
C LEU A 80 4.68 -0.25 8.44
N PHE A 81 5.98 -0.03 8.60
CA PHE A 81 6.89 -1.06 9.11
C PHE A 81 7.11 -0.92 10.62
N ARG A 82 6.30 -0.12 11.32
CA ARG A 82 6.58 0.26 12.70
C ARG A 82 6.85 -0.94 13.61
N ALA A 83 6.19 -2.06 13.37
CA ALA A 83 6.26 -3.18 14.29
C ALA A 83 7.14 -4.30 13.82
N VAL A 84 7.72 -4.19 12.60
CA VAL A 84 8.47 -5.30 11.99
C VAL A 84 9.93 -5.23 12.40
N ASP A 85 10.46 -6.36 12.83
CA ASP A 85 11.89 -6.50 13.12
C ASP A 85 12.50 -7.25 11.94
N LEU A 86 13.09 -6.52 11.00
CA LEU A 86 13.62 -7.18 9.81
C LEU A 86 14.77 -8.14 10.12
N SER A 87 15.48 -7.94 11.24
CA SER A 87 16.57 -8.87 11.53
C SER A 87 16.05 -10.27 11.82
N ALA A 88 14.77 -10.40 12.19
CA ALA A 88 14.20 -11.67 12.60
C ALA A 88 13.54 -12.41 11.46
N ILE A 89 13.30 -11.74 10.38
CA ILE A 89 12.56 -12.25 9.24
C ILE A 89 13.55 -12.79 8.20
N LYS A 90 13.12 -13.80 7.46
CA LYS A 90 13.92 -14.36 6.38
C LYS A 90 13.35 -14.05 5.00
N ASN A 91 12.06 -14.34 4.76
CA ASN A 91 11.48 -14.34 3.43
C ASN A 91 10.34 -13.34 3.35
N VAL A 92 10.29 -12.56 2.26
CA VAL A 92 9.33 -11.46 2.06
C VAL A 92 8.60 -11.68 0.74
N MET A 93 7.29 -11.44 0.74
CA MET A 93 6.48 -11.47 -0.49
C MET A 93 5.80 -10.11 -0.67
N ASP A 94 5.98 -9.49 -1.85
CA ASP A 94 5.28 -8.24 -2.21
C ASP A 94 4.27 -8.57 -3.29
N PHE A 95 2.97 -8.59 -2.93
CA PHE A 95 2.03 -9.13 -3.91
C PHE A 95 1.52 -8.10 -4.90
N GLY A 96 2.07 -6.89 -4.90
CA GLY A 96 1.81 -5.94 -5.97
C GLY A 96 2.98 -4.96 -6.05
N CYS A 97 4.10 -5.41 -6.62
CA CYS A 97 5.39 -4.81 -6.30
C CYS A 97 5.75 -3.58 -7.11
N GLY A 98 4.88 -3.10 -7.99
CA GLY A 98 5.13 -1.84 -8.69
C GLY A 98 6.47 -1.83 -9.43
N HIS A 99 7.29 -0.82 -9.14
CA HIS A 99 8.62 -0.68 -9.73
C HIS A 99 9.71 -1.27 -8.84
N GLY A 100 9.33 -2.03 -7.81
CA GLY A 100 10.27 -2.80 -7.01
C GLY A 100 11.01 -2.03 -5.93
N SER A 101 10.68 -0.76 -5.71
CA SER A 101 11.42 0.06 -4.75
C SER A 101 11.39 -0.54 -3.34
N ASP A 102 10.22 -0.99 -2.88
CA ASP A 102 10.11 -1.55 -1.53
C ASP A 102 10.97 -2.79 -1.38
N LEU A 103 10.93 -3.70 -2.36
CA LEU A 103 11.77 -4.90 -2.31
C LEU A 103 13.25 -4.55 -2.37
N ILE A 104 13.62 -3.61 -3.23
CA ILE A 104 15.02 -3.26 -3.38
C ILE A 104 15.56 -2.61 -2.11
N ILE A 105 14.81 -1.67 -1.54
CA ILE A 105 15.23 -1.01 -0.32
C ILE A 105 15.41 -2.02 0.81
N LEU A 106 14.44 -2.93 0.96
CA LEU A 106 14.55 -3.98 1.97
C LEU A 106 15.78 -4.85 1.72
N GLY A 107 15.99 -5.25 0.46
CA GLY A 107 17.11 -6.12 0.14
C GLY A 107 18.46 -5.45 0.33
N GLU A 108 18.55 -4.16 -0.02
CA GLU A 108 19.79 -3.40 0.13
C GLU A 108 20.16 -3.23 1.59
N GLN A 109 19.16 -2.96 2.43
CA GLN A 109 19.42 -2.64 3.82
C GLN A 109 19.42 -3.86 4.74
N ASN A 110 19.07 -5.05 4.23
CA ASN A 110 19.03 -6.28 5.04
C ASN A 110 19.53 -7.42 4.18
N GLU A 111 20.82 -7.70 4.26
CA GLU A 111 21.44 -8.61 3.28
C GLU A 111 20.98 -10.04 3.44
N HIS A 112 20.42 -10.41 4.59
CA HIS A 112 19.98 -11.79 4.77
C HIS A 112 18.64 -12.08 4.11
N LEU A 113 17.85 -11.07 3.76
CA LEU A 113 16.49 -11.29 3.27
C LEU A 113 16.47 -11.90 1.87
N LYS A 114 15.46 -12.73 1.63
CA LYS A 114 15.07 -13.23 0.31
C LYS A 114 13.66 -12.69 0.02
N LEU A 115 13.47 -12.09 -1.14
CA LEU A 115 12.21 -11.38 -1.41
C LEU A 115 11.71 -11.71 -2.81
N ASP A 116 10.41 -11.97 -2.92
CA ASP A 116 9.76 -12.20 -4.20
C ASP A 116 8.70 -11.14 -4.44
N GLY A 117 8.52 -10.74 -5.69
CA GLY A 117 7.48 -9.79 -6.05
C GLY A 117 6.62 -10.31 -7.18
N TYR A 118 5.31 -10.05 -7.09
CA TYR A 118 4.38 -10.29 -8.18
C TYR A 118 3.82 -8.95 -8.67
N THR A 119 3.74 -8.81 -9.99
CA THR A 119 2.97 -7.73 -10.58
C THR A 119 2.29 -8.26 -11.84
N ILE A 120 1.11 -7.74 -12.16
CA ILE A 120 0.44 -8.18 -13.38
C ILE A 120 0.89 -7.39 -14.59
N SER A 121 1.61 -6.28 -14.40
CA SER A 121 2.10 -5.49 -15.51
C SER A 121 3.40 -6.07 -16.05
N GLY A 122 3.38 -6.49 -17.32
CA GLY A 122 4.62 -6.91 -17.97
C GLY A 122 5.67 -5.82 -17.96
N LYS A 123 5.28 -4.58 -18.22
CA LYS A 123 6.23 -3.47 -18.22
C LYS A 123 6.88 -3.32 -16.85
N GLN A 124 6.06 -3.35 -15.79
CA GLN A 124 6.59 -3.23 -14.44
C GLN A 124 7.55 -4.38 -14.12
N ALA A 125 7.25 -5.60 -14.58
CA ALA A 125 8.11 -6.74 -14.31
C ALA A 125 9.50 -6.54 -14.92
N GLU A 126 9.55 -6.13 -16.18
CA GLU A 126 10.82 -5.85 -16.84
C GLU A 126 11.62 -4.80 -16.07
N VAL A 127 10.95 -3.73 -15.64
CA VAL A 127 11.63 -2.69 -14.88
C VAL A 127 12.17 -3.26 -13.57
N CYS A 128 11.31 -3.93 -12.80
CA CYS A 128 11.76 -4.54 -11.55
C CYS A 128 13.00 -5.39 -11.75
N LYS A 129 12.97 -6.31 -12.73
CA LYS A 129 14.11 -7.18 -12.96
CA LYS A 129 14.11 -7.18 -12.95
C LYS A 129 15.36 -6.39 -13.27
N GLN A 130 15.24 -5.33 -14.08
CA GLN A 130 16.42 -4.57 -14.44
C GLN A 130 16.99 -3.84 -13.23
N ARG A 131 16.12 -3.14 -12.49
CA ARG A 131 16.57 -2.40 -11.33
C ARG A 131 17.15 -3.33 -10.27
N VAL A 132 16.58 -4.53 -10.11
CA VAL A 132 17.12 -5.48 -9.14
C VAL A 132 18.54 -5.87 -9.52
N ARG A 133 18.78 -6.16 -10.80
CA ARG A 133 20.10 -6.62 -11.20
C ARG A 133 21.11 -5.48 -11.20
N THR A 134 20.69 -4.27 -11.60
CA THR A 134 21.56 -3.11 -11.52
C THR A 134 22.15 -2.94 -10.13
N ARG A 135 21.37 -3.26 -9.11
CA ARG A 135 21.81 -3.16 -7.73
C ARG A 135 22.46 -4.46 -7.22
N GLY A 136 22.65 -5.46 -8.07
CA GLY A 136 23.29 -6.70 -7.65
C GLY A 136 22.47 -7.56 -6.72
N LEU A 137 21.15 -7.46 -6.78
CA LEU A 137 20.25 -8.19 -5.88
C LEU A 137 19.56 -9.36 -6.56
N GLN A 138 19.99 -9.75 -7.76
CA GLN A 138 19.28 -10.81 -8.49
C GLN A 138 19.41 -12.17 -7.81
N ASN A 139 20.29 -12.32 -6.84
CA ASN A 139 20.34 -13.59 -6.14
C ASN A 139 19.37 -13.66 -4.98
N ARG A 140 18.85 -12.52 -4.53
CA ARG A 140 17.91 -12.51 -3.42
C ARG A 140 16.51 -12.02 -3.78
N ILE A 141 16.30 -11.39 -4.93
CA ILE A 141 14.98 -10.87 -5.30
C ILE A 141 14.55 -11.50 -6.61
N ARG A 142 13.39 -12.16 -6.62
CA ARG A 142 12.80 -12.65 -7.86
C ARG A 142 11.51 -11.89 -8.17
N ILE A 143 11.31 -11.60 -9.45
CA ILE A 143 10.15 -10.86 -9.95
C ILE A 143 9.37 -11.77 -10.88
N PHE A 144 8.04 -11.73 -10.75
CA PHE A 144 7.18 -12.52 -11.63
C PHE A 144 6.01 -11.68 -12.10
N GLN A 145 5.68 -11.79 -13.37
CA GLN A 145 4.44 -11.26 -13.91
C GLN A 145 3.37 -12.30 -13.64
N ARG A 146 2.71 -12.19 -12.49
CA ARG A 146 1.72 -13.17 -12.07
C ARG A 146 0.62 -12.45 -11.30
N ASP A 147 -0.52 -13.12 -11.20
CA ASP A 147 -1.73 -12.55 -10.61
C ASP A 147 -1.89 -13.12 -9.20
N SER A 148 -1.82 -12.24 -8.20
CA SER A 148 -1.79 -12.65 -6.80
C SER A 148 -3.10 -13.29 -6.32
N ALA A 149 -4.19 -13.14 -7.07
CA ALA A 149 -5.42 -13.87 -6.80
C ALA A 149 -5.51 -15.19 -7.56
N LYS A 150 -4.70 -15.38 -8.62
CA LYS A 150 -4.81 -16.58 -9.44
C LYS A 150 -3.59 -17.48 -9.38
N ASP A 151 -2.42 -16.95 -9.04
CA ASP A 151 -1.16 -17.68 -9.04
C ASP A 151 -0.64 -17.80 -7.62
N ASP A 152 -0.40 -19.03 -7.17
CA ASP A 152 0.17 -19.24 -5.85
C ASP A 152 1.49 -18.48 -5.72
N PHE A 153 1.68 -17.86 -4.57
CA PHE A 153 2.98 -17.30 -4.25
C PHE A 153 4.02 -18.41 -4.25
N PRO A 154 5.28 -18.11 -4.61
CA PRO A 154 6.27 -19.16 -4.90
C PRO A 154 7.16 -19.50 -3.70
N GLY A 155 6.56 -19.73 -2.55
CA GLY A 155 7.32 -20.04 -1.37
C GLY A 155 6.50 -19.84 -0.10
N MET A 156 7.20 -19.97 1.03
N MET A 156 7.21 -19.90 1.02
CA MET A 156 6.63 -19.73 2.34
CA MET A 156 6.62 -19.74 2.34
C MET A 156 7.31 -18.51 2.93
C MET A 156 7.30 -18.55 3.01
N TYR A 157 6.51 -17.55 3.41
CA TYR A 157 7.04 -16.24 3.77
C TYR A 157 6.84 -15.92 5.24
N ASP A 158 7.69 -15.02 5.74
CA ASP A 158 7.59 -14.48 7.08
C ASP A 158 6.93 -13.12 7.10
N LEU A 159 6.98 -12.39 5.98
CA LEU A 159 6.41 -11.05 5.89
C LEU A 159 5.81 -10.90 4.50
N VAL A 160 4.60 -10.34 4.43
CA VAL A 160 3.90 -10.10 3.17
C VAL A 160 3.52 -8.61 3.10
N LEU A 161 3.75 -8.00 1.93
CA LEU A 161 3.55 -6.57 1.72
C LEU A 161 2.45 -6.38 0.69
N GLY A 162 1.51 -5.49 0.98
CA GLY A 162 0.51 -5.07 0.00
C GLY A 162 0.20 -3.61 0.20
N PHE A 163 0.94 -2.72 -0.47
CA PHE A 163 0.76 -1.29 -0.34
C PHE A 163 -0.07 -0.82 -1.53
N GLU A 164 -1.33 -0.50 -1.27
CA GLU A 164 -2.29 -0.06 -2.29
C GLU A 164 -2.42 -1.09 -3.41
N VAL A 165 -2.63 -2.35 -3.01
CA VAL A 165 -2.73 -3.46 -3.96
C VAL A 165 -4.04 -4.20 -3.78
N ALA A 166 -4.30 -4.67 -2.56
CA ALA A 166 -5.48 -5.49 -2.31
C ALA A 166 -6.76 -4.80 -2.79
N GLY A 167 -6.82 -3.47 -2.67
CA GLY A 167 -8.00 -2.74 -3.12
C GLY A 167 -8.26 -2.85 -4.61
N LEU A 168 -7.25 -3.24 -5.40
CA LEU A 168 -7.34 -3.35 -6.84
C LEU A 168 -7.73 -4.74 -7.32
N ILE A 169 -7.81 -5.72 -6.42
CA ILE A 169 -7.92 -7.13 -6.78
C ILE A 169 -9.35 -7.57 -6.48
N PRO A 170 -10.15 -7.90 -7.51
CA PRO A 170 -11.57 -8.22 -7.28
C PRO A 170 -11.76 -9.44 -6.39
N ASP A 171 -11.02 -10.51 -6.69
CA ASP A 171 -11.21 -11.77 -5.96
C ASP A 171 -10.37 -11.72 -4.69
N LYS A 172 -10.94 -11.06 -3.67
CA LYS A 172 -10.20 -10.90 -2.40
C LYS A 172 -10.12 -12.23 -1.64
N ASP A 173 -11.18 -13.04 -1.73
CA ASP A 173 -11.15 -14.37 -1.13
C ASP A 173 -9.97 -15.17 -1.63
N ALA A 174 -9.78 -15.21 -2.94
CA ALA A 174 -8.63 -15.91 -3.50
C ALA A 174 -7.31 -15.27 -3.07
N LEU A 175 -7.26 -13.94 -3.07
CA LEU A 175 -6.04 -13.27 -2.64
C LEU A 175 -5.68 -13.65 -1.18
N PHE A 176 -6.64 -13.59 -0.28
CA PHE A 176 -6.28 -13.81 1.12
C PHE A 176 -6.09 -15.29 1.44
N SER A 177 -6.69 -16.19 0.66
CA SER A 177 -6.34 -17.60 0.76
C SER A 177 -4.89 -17.81 0.33
N ASN A 178 -4.48 -17.18 -0.77
CA ASN A 178 -3.09 -17.26 -1.22
C ASN A 178 -2.14 -16.71 -0.16
N ILE A 179 -2.51 -15.61 0.49
CA ILE A 179 -1.66 -15.06 1.55
C ILE A 179 -1.54 -16.07 2.70
N ASP A 180 -2.68 -16.57 3.17
CA ASP A 180 -2.72 -17.55 4.26
C ASP A 180 -1.86 -18.77 3.94
N ARG A 181 -2.07 -19.39 2.79
CA ARG A 181 -1.39 -20.65 2.50
C ARG A 181 0.12 -20.49 2.35
N HIS A 182 0.60 -19.26 2.20
CA HIS A 182 2.04 -19.03 2.01
C HIS A 182 2.64 -18.15 3.09
N LEU A 183 1.98 -18.01 4.23
CA LEU A 183 2.53 -17.27 5.35
C LEU A 183 2.82 -18.28 6.46
N THR A 184 4.06 -18.27 6.99
CA THR A 184 4.33 -19.09 8.17
C THR A 184 3.44 -18.66 9.33
N ASN A 185 3.12 -19.60 10.23
CA ASN A 185 2.29 -19.22 11.38
C ASN A 185 2.96 -18.15 12.21
N GLY A 186 2.19 -17.18 12.67
CA GLY A 186 2.82 -16.00 13.27
C GLY A 186 3.49 -15.04 12.31
N GLY A 187 3.52 -15.34 11.01
CA GLY A 187 4.07 -14.39 10.03
C GLY A 187 3.25 -13.10 9.98
N LEU A 188 3.82 -12.06 9.37
CA LEU A 188 3.24 -10.72 9.38
C LEU A 188 2.77 -10.30 7.99
N LEU A 189 1.69 -9.53 7.95
CA LEU A 189 1.16 -8.91 6.74
C LEU A 189 1.03 -7.43 7.03
N ILE A 190 1.67 -6.57 6.24
CA ILE A 190 1.48 -5.14 6.39
C ILE A 190 0.86 -4.62 5.09
N MET A 191 -0.17 -3.79 5.23
CA MET A 191 -0.90 -3.30 4.08
C MET A 191 -1.22 -1.84 4.28
N ALA A 192 -1.21 -1.11 3.16
CA ALA A 192 -1.82 0.21 3.09
C ALA A 192 -3.02 0.08 2.16
N ASP A 193 -4.19 0.49 2.65
CA ASP A 193 -5.40 0.39 1.85
C ASP A 193 -6.50 1.23 2.49
N PHE A 194 -7.65 1.24 1.85
CA PHE A 194 -8.77 2.08 2.24
C PHE A 194 -9.83 1.30 3.00
N VAL A 195 -10.42 1.96 3.99
CA VAL A 195 -11.58 1.48 4.72
C VAL A 195 -12.73 2.44 4.41
N ALA A 196 -13.84 1.92 3.90
CA ALA A 196 -15.03 2.75 3.71
C ALA A 196 -15.82 2.81 5.02
N ASN A 197 -16.21 4.02 5.43
CA ASN A 197 -16.84 4.23 6.72
C ASN A 197 -18.36 4.40 6.63
N THR A 198 -18.98 3.99 5.52
CA THR A 198 -20.43 4.01 5.42
C THR A 198 -20.99 2.70 4.87
N THR A 209 -20.72 -7.61 -3.63
CA THR A 209 -19.91 -6.44 -3.95
C THR A 209 -19.05 -6.00 -2.76
N PHE A 210 -17.73 -6.18 -2.87
CA PHE A 210 -16.83 -5.74 -1.81
C PHE A 210 -16.80 -4.21 -1.75
N SER A 211 -17.08 -3.67 -0.57
CA SER A 211 -17.17 -2.23 -0.35
C SER A 211 -16.10 -1.70 0.60
N SER A 212 -15.14 -2.56 0.98
CA SER A 212 -14.01 -2.16 1.81
C SER A 212 -14.42 -1.72 3.21
N THR A 213 -15.56 -2.21 3.71
CA THR A 213 -15.95 -1.85 5.06
C THR A 213 -15.09 -2.59 6.08
N ARG A 214 -15.14 -2.14 7.34
CA ARG A 214 -14.48 -2.87 8.42
C ARG A 214 -14.92 -4.33 8.44
N GLU A 215 -16.25 -4.56 8.38
CA GLU A 215 -16.75 -5.92 8.48
C GLU A 215 -16.28 -6.77 7.31
N GLN A 216 -16.16 -6.17 6.14
CA GLN A 216 -15.72 -6.93 4.96
C GLN A 216 -14.25 -7.28 5.07
N TRP A 217 -13.39 -6.33 5.43
CA TRP A 217 -12.00 -6.66 5.72
C TRP A 217 -11.89 -7.72 6.81
N ASN A 218 -12.66 -7.56 7.89
CA ASN A 218 -12.66 -8.53 8.98
C ASN A 218 -12.99 -9.94 8.48
N LYS A 219 -14.00 -10.07 7.63
CA LYS A 219 -14.34 -11.40 7.12
C LYS A 219 -13.17 -12.00 6.34
N LEU A 220 -12.50 -11.19 5.53
CA LEU A 220 -11.34 -11.66 4.80
C LEU A 220 -10.23 -12.13 5.72
N PHE A 221 -9.91 -11.32 6.74
CA PHE A 221 -8.84 -11.72 7.66
C PHE A 221 -9.23 -12.98 8.41
N SER A 222 -10.43 -12.98 9.01
CA SER A 222 -10.79 -14.02 9.97
C SER A 222 -11.04 -15.37 9.32
N SER A 223 -11.52 -15.38 8.07
CA SER A 223 -11.70 -16.60 7.27
C SER A 223 -10.37 -17.17 6.79
N ASN A 224 -9.28 -16.41 6.94
CA ASN A 224 -7.99 -16.84 6.41
C ASN A 224 -6.90 -16.74 7.48
N HIS A 225 -7.26 -16.98 8.74
CA HIS A 225 -6.29 -17.15 9.82
C HIS A 225 -5.44 -15.89 10.03
N LEU A 226 -6.07 -14.72 9.91
CA LEU A 226 -5.34 -13.45 10.06
C LEU A 226 -5.95 -12.62 11.16
N ARG A 227 -5.13 -12.09 12.05
N ARG A 227 -5.11 -12.07 12.02
CA ARG A 227 -5.68 -11.24 13.10
CA ARG A 227 -5.53 -11.25 13.14
C ARG A 227 -5.04 -9.86 13.01
C ARG A 227 -4.99 -9.84 12.94
N LEU A 228 -5.89 -8.85 12.97
CA LEU A 228 -5.46 -7.46 12.95
C LEU A 228 -4.83 -7.11 14.30
N VAL A 229 -3.56 -6.73 14.29
CA VAL A 229 -2.86 -6.38 15.53
C VAL A 229 -3.04 -4.90 15.86
N ASP A 230 -2.85 -4.00 14.88
CA ASP A 230 -3.25 -2.61 15.06
C ASP A 230 -3.23 -1.91 13.71
N ALA A 231 -3.69 -0.66 13.72
CA ALA A 231 -3.91 0.08 12.49
C ALA A 231 -3.73 1.57 12.79
N VAL A 232 -2.98 2.26 11.93
CA VAL A 232 -2.79 3.70 12.03
C VAL A 232 -3.53 4.39 10.90
N ASP A 233 -4.31 5.42 11.23
CA ASP A 233 -5.10 6.17 10.28
C ASP A 233 -4.30 7.41 9.88
N VAL A 234 -3.82 7.43 8.64
CA VAL A 234 -3.07 8.58 8.14
C VAL A 234 -3.89 9.39 7.13
N SER A 235 -5.22 9.26 7.19
CA SER A 235 -6.11 10.00 6.29
C SER A 235 -5.78 11.49 6.28
N ASN A 236 -5.58 12.06 7.47
CA ASN A 236 -5.38 13.51 7.58
C ASN A 236 -4.07 13.94 6.92
N GLU A 237 -3.03 13.10 7.03
CA GLU A 237 -1.72 13.46 6.53
C GLU A 237 -1.58 13.17 5.05
N VAL A 238 -2.26 12.14 4.56
CA VAL A 238 -2.33 11.91 3.12
C VAL A 238 -3.10 13.04 2.46
N ALA A 239 -4.21 13.47 3.07
CA ALA A 239 -4.97 14.61 2.55
C ALA A 239 -4.13 15.88 2.59
N ASN A 240 -3.30 16.04 3.63
CA ASN A 240 -2.39 17.18 3.67
C ASN A 240 -1.44 17.16 2.47
N CYS A 241 -1.04 15.96 2.02
CA CYS A 241 -0.13 15.88 0.88
C CYS A 241 -0.82 16.37 -0.39
N LEU A 242 -2.12 16.07 -0.55
CA LEU A 242 -2.88 16.43 -1.73
C LEU A 242 -3.46 17.83 -1.66
N HIS A 243 -3.29 18.52 -0.54
CA HIS A 243 -3.87 19.86 -0.37
C HIS A 243 -3.30 20.84 -1.40
N ASN A 244 -4.20 21.50 -2.13
CA ASN A 244 -3.83 22.40 -3.21
C ASN A 244 -4.96 23.40 -3.39
N PRO A 245 -4.85 24.59 -2.78
CA PRO A 245 -5.93 25.59 -2.92
C PRO A 245 -6.09 26.13 -4.33
N ASP A 246 -5.11 25.93 -5.22
CA ASP A 246 -5.18 26.40 -6.60
C ASP A 246 -5.17 25.23 -7.58
N TYR A 247 -5.66 24.07 -7.14
CA TYR A 247 -5.57 22.84 -7.93
C TYR A 247 -6.23 22.98 -9.29
N ALA A 248 -7.32 23.75 -9.37
CA ALA A 248 -8.04 23.90 -10.63
C ALA A 248 -7.15 24.54 -11.69
N ALA A 249 -6.66 25.76 -11.42
CA ALA A 249 -5.79 26.42 -12.38
C ALA A 249 -4.43 25.75 -12.50
N GLN A 250 -4.00 24.99 -11.50
CA GLN A 250 -2.75 24.24 -11.66
C GLN A 250 -2.95 23.06 -12.61
N PHE A 251 -4.06 22.34 -12.48
CA PHE A 251 -4.28 21.16 -13.30
C PHE A 251 -4.49 21.51 -14.77
N GLU A 252 -5.14 22.64 -15.04
CA GLU A 252 -5.32 23.05 -16.43
C GLU A 252 -3.98 23.35 -17.09
N ALA A 253 -3.06 23.97 -16.35
CA ALA A 253 -1.78 24.37 -16.91
C ALA A 253 -0.98 23.14 -17.35
N LEU A 254 -0.93 22.11 -16.51
CA LEU A 254 -0.26 20.87 -16.88
C LEU A 254 -1.03 20.15 -17.98
N CYS A 255 -2.37 20.14 -17.89
CA CYS A 255 -3.19 19.48 -18.91
C CYS A 255 -2.98 20.09 -20.28
N LYS A 256 -2.43 21.30 -20.35
CA LYS A 256 -2.17 21.93 -21.64
C LYS A 256 -1.04 21.24 -22.40
N GLU A 257 -0.12 20.58 -21.69
CA GLU A 257 0.96 19.81 -22.32
C GLU A 257 0.65 18.32 -22.33
N LEU A 258 -0.56 17.95 -22.75
CA LEU A 258 -1.01 16.56 -22.67
C LEU A 258 -0.77 15.82 -23.97
N ASP A 261 -3.76 10.00 -22.68
CA ASP A 261 -3.62 11.37 -22.21
C ASP A 261 -4.89 11.81 -21.51
N GLU A 262 -6.04 11.45 -22.09
CA GLU A 262 -7.32 11.74 -21.46
C GLU A 262 -7.66 10.73 -20.38
N VAL A 263 -7.18 9.48 -20.51
CA VAL A 263 -7.26 8.52 -19.42
C VAL A 263 -6.60 9.09 -18.17
N THR A 264 -5.57 9.91 -18.35
CA THR A 264 -4.89 10.56 -17.23
C THR A 264 -5.65 11.76 -16.69
N GLN A 265 -6.69 12.24 -17.38
CA GLN A 265 -7.46 13.38 -16.87
C GLN A 265 -8.48 12.95 -15.83
N ARG A 266 -9.30 11.94 -16.16
CA ARG A 266 -10.24 11.41 -15.17
C ARG A 266 -9.53 10.67 -14.05
N SER A 267 -8.26 10.29 -14.26
CA SER A 267 -7.52 9.60 -13.22
C SER A 267 -7.13 10.55 -12.08
N PHE A 268 -6.84 11.81 -12.40
CA PHE A 268 -6.50 12.78 -11.37
C PHE A 268 -7.71 13.56 -10.88
N GLY A 269 -8.86 13.44 -11.56
CA GLY A 269 -10.12 13.78 -10.92
C GLY A 269 -10.50 12.78 -9.85
N SER A 270 -10.21 11.50 -10.06
CA SER A 270 -10.46 10.50 -9.02
C SER A 270 -9.68 10.79 -7.77
N TYR A 271 -8.54 11.48 -7.89
CA TYR A 271 -7.72 11.81 -6.74
C TYR A 271 -8.29 12.95 -5.93
N GLU A 272 -8.92 13.94 -6.57
CA GLU A 272 -9.55 15.02 -5.82
C GLU A 272 -10.78 14.54 -5.07
N ASN A 273 -11.52 13.57 -5.62
CA ASN A 273 -12.64 13.00 -4.89
C ASN A 273 -12.17 12.22 -3.67
N VAL A 274 -10.96 11.66 -3.73
CA VAL A 274 -10.39 11.03 -2.57
C VAL A 274 -10.04 12.06 -1.51
N TYR A 275 -9.60 13.25 -1.93
CA TYR A 275 -9.30 14.33 -0.98
C TYR A 275 -10.52 14.68 -0.14
N LYS A 276 -11.64 14.99 -0.81
CA LYS A 276 -12.88 15.28 -0.10
C LYS A 276 -13.29 14.13 0.81
N ALA A 277 -13.27 12.91 0.27
CA ALA A 277 -13.70 11.76 1.06
C ALA A 277 -12.83 11.59 2.29
N LEU A 278 -11.52 11.85 2.17
CA LEU A 278 -10.63 11.74 3.32
C LEU A 278 -10.89 12.85 4.34
N ARG A 279 -11.00 14.10 3.87
CA ARG A 279 -11.33 15.21 4.75
C ARG A 279 -12.66 14.99 5.45
N GLY A 280 -13.65 14.50 4.70
CA GLY A 280 -14.98 14.27 5.23
C GLY A 280 -15.13 13.04 6.10
N GLY A 281 -14.10 12.19 6.18
CA GLY A 281 -14.21 10.97 6.96
C GLY A 281 -14.98 9.86 6.28
N LEU A 282 -15.35 10.03 5.01
CA LEU A 282 -16.11 9.01 4.32
C LEU A 282 -15.30 7.73 4.14
N ILE A 283 -14.00 7.88 3.85
CA ILE A 283 -13.08 6.75 3.77
C ILE A 283 -11.86 7.08 4.61
N SER A 284 -11.09 6.04 4.93
CA SER A 284 -9.89 6.16 5.72
C SER A 284 -8.76 5.46 4.99
N TYR A 285 -7.59 6.09 5.00
CA TYR A 285 -6.38 5.48 4.47
C TYR A 285 -5.66 4.87 5.67
N VAL A 286 -5.53 3.56 5.68
CA VAL A 286 -5.20 2.84 6.91
C VAL A 286 -3.96 1.99 6.67
N LEU A 287 -3.08 1.96 7.67
CA LEU A 287 -1.86 1.18 7.59
C LEU A 287 -2.04 0.01 8.57
N PHE A 288 -2.29 -1.18 8.01
CA PHE A 288 -2.65 -2.37 8.76
C PHE A 288 -1.38 -3.10 9.20
N HIS A 289 -1.35 -3.56 10.45
CA HIS A 289 -0.38 -4.56 10.88
C HIS A 289 -1.14 -5.80 11.32
N VAL A 290 -0.91 -6.92 10.63
CA VAL A 290 -1.70 -8.14 10.74
C VAL A 290 -0.75 -9.29 11.03
N GLN A 291 -1.18 -10.26 11.84
CA GLN A 291 -0.37 -11.44 12.13
C GLN A 291 -1.14 -12.71 11.79
N LYS A 292 -0.49 -13.67 11.15
CA LYS A 292 -1.14 -14.98 10.97
C LYS A 292 -1.30 -15.69 12.32
N ASP A 293 -2.48 -16.27 12.53
CA ASP A 293 -2.86 -16.92 13.80
C ASP A 293 -3.60 -18.20 13.40
N ARG A 294 -2.81 -19.25 13.15
N ARG A 294 -2.84 -19.25 13.12
CA ARG A 294 -3.36 -20.50 12.63
CA ARG A 294 -3.47 -20.47 12.62
C ARG A 294 -4.13 -21.27 13.71
C ARG A 294 -4.14 -21.29 13.71
N PHE A 295 -3.76 -21.11 14.97
CA PHE A 295 -4.28 -21.94 16.06
C PHE A 295 -5.52 -21.36 16.73
N SER A 296 -5.97 -20.17 16.34
CA SER A 296 -7.11 -19.56 17.02
C SER A 296 -8.40 -19.89 16.28
N ARG A 297 -9.51 -19.90 17.01
CA ARG A 297 -10.82 -20.07 16.38
C ARG A 297 -11.12 -18.88 15.48
N SER A 298 -11.62 -19.17 14.28
CA SER A 298 -11.88 -18.10 13.32
C SER A 298 -12.97 -17.15 13.83
N ASP A 299 -13.98 -17.69 14.53
CA ASP A 299 -14.98 -16.81 15.13
C ASP A 299 -14.36 -15.90 16.19
N GLU A 300 -13.30 -16.36 16.84
CA GLU A 300 -12.67 -15.50 17.84
C GLU A 300 -11.71 -14.49 17.20
N LEU A 301 -11.08 -14.86 16.08
CA LEU A 301 -10.35 -13.85 15.31
C LEU A 301 -11.27 -12.72 14.91
N PHE A 302 -12.48 -13.05 14.44
CA PHE A 302 -13.42 -12.02 14.01
C PHE A 302 -13.80 -11.10 15.17
N HIS A 303 -14.08 -11.70 16.33
CA HIS A 303 -14.47 -10.94 17.52
C HIS A 303 -13.38 -9.97 17.92
N LEU A 304 -12.13 -10.45 17.96
CA LEU A 304 -10.98 -9.63 18.32
C LEU A 304 -10.65 -8.60 17.24
N ASN A 305 -10.70 -9.00 15.97
CA ASN A 305 -10.47 -8.03 14.89
C ASN A 305 -11.47 -6.89 14.95
N ALA A 306 -12.74 -7.20 15.25
CA ALA A 306 -13.77 -6.17 15.24
C ALA A 306 -13.46 -5.10 16.27
N LYS A 307 -12.96 -5.51 17.44
CA LYS A 307 -12.57 -4.54 18.44
C LYS A 307 -11.42 -3.67 17.94
N GLN A 308 -10.45 -4.28 17.26
CA GLN A 308 -9.29 -3.54 16.77
C GLN A 308 -9.65 -2.60 15.62
N PHE A 309 -10.66 -2.96 14.81
CA PHE A 309 -11.09 -2.09 13.72
C PHE A 309 -11.78 -0.83 14.22
N GLU A 310 -12.22 -0.81 15.48
CA GLU A 310 -12.88 0.35 16.06
C GLU A 310 -11.91 1.20 16.88
N GLN A 311 -10.64 0.81 16.96
CA GLN A 311 -9.64 1.56 17.70
C GLN A 311 -8.46 1.92 16.82
N LEU A 312 -8.73 2.33 15.58
CA LEU A 312 -7.68 2.86 14.72
C LEU A 312 -6.96 4.01 15.44
N THR A 313 -5.64 4.03 15.33
CA THR A 313 -4.88 5.10 15.96
C THR A 313 -4.65 6.25 14.97
N PRO A 314 -5.10 7.46 15.26
CA PRO A 314 -4.73 8.58 14.40
C PRO A 314 -3.22 8.80 14.42
N TYR A 315 -2.66 9.03 13.22
CA TYR A 315 -1.25 9.38 13.09
C TYR A 315 -0.83 10.49 14.06
N ALA A 316 -1.70 11.48 14.26
CA ALA A 316 -1.36 12.58 15.17
C ALA A 316 -1.16 12.09 16.59
N GLU A 317 -1.66 10.91 16.93
CA GLU A 317 -1.46 10.35 18.26
C GLU A 317 -0.39 9.27 18.27
N PHE A 318 0.36 9.14 17.19
CA PHE A 318 1.32 8.06 17.03
C PHE A 318 2.74 8.54 17.35
N ALA A 319 3.49 7.69 18.02
CA ALA A 319 4.88 7.95 18.34
C ALA A 319 5.65 6.64 18.43
N SAM B . 3.21 -1.48 -3.96
CA SAM B . 3.83 -0.65 -4.97
C SAM B . 4.22 0.71 -4.40
O SAM B . 3.79 1.04 -3.31
OXT SAM B . 4.98 1.49 -5.00
CB SAM B . 2.89 -0.47 -6.15
CG SAM B . 1.48 -0.01 -5.79
SD SAM B . 0.53 0.35 -7.28
CE SAM B . -0.57 1.65 -6.67
C5' SAM B . -0.49 -1.12 -7.47
C4' SAM B . 0.31 -2.35 -7.91
O4' SAM B . -0.43 -3.55 -7.78
C3' SAM B . 0.80 -2.33 -9.35
O3' SAM B . 2.15 -2.74 -9.32
C2' SAM B . -0.02 -3.42 -10.06
O2' SAM B . 0.66 -4.06 -11.11
C1' SAM B . -0.23 -4.40 -8.90
N9 SAM B . -1.37 -5.33 -9.04
C8 SAM B . -2.69 -4.98 -9.23
N7 SAM B . -3.43 -6.12 -9.27
C5 SAM B . -2.60 -7.18 -9.10
C6 SAM B . -2.83 -8.55 -9.05
N6 SAM B . -4.06 -9.04 -9.19
N1 SAM B . -1.77 -9.41 -8.86
C2 SAM B . -0.49 -8.92 -8.71
N3 SAM B . -0.28 -7.56 -8.75
C4 SAM B . -1.31 -6.70 -8.95
C1 GOL C . 12.91 0.40 6.21
O1 GOL C . 12.45 -0.89 6.06
C2 GOL C . 11.94 1.31 5.40
O2 GOL C . 11.47 0.68 4.26
C3 GOL C . 10.83 1.70 6.42
O3 GOL C . 11.44 1.90 7.67
C1 GOL D . -3.03 -24.70 6.19
O1 GOL D . -3.63 -24.88 7.45
C2 GOL D . -3.53 -23.33 5.62
O2 GOL D . -4.89 -23.34 5.35
C3 GOL D . -3.16 -22.28 6.70
O3 GOL D . -1.79 -22.41 6.94
C1 GOL E . 10.42 -18.80 0.52
O1 GOL E . 10.39 -20.19 0.63
C2 GOL E . 11.61 -18.41 -0.38
O2 GOL E . 11.56 -19.05 -1.61
C3 GOL E . 11.53 -16.85 -0.52
O3 GOL E . 11.93 -16.49 -1.80
C1 GOL F . -6.67 19.07 -4.22
O1 GOL F . -7.51 18.24 -4.97
C2 GOL F . -7.55 20.17 -3.57
O2 GOL F . -8.89 19.97 -3.79
C3 GOL F . -7.19 20.11 -2.06
O3 GOL F . -7.07 21.42 -1.62
#